data_2OVZ
#
_entry.id   2OVZ
#
_cell.length_a   55.850
_cell.length_b   55.850
_cell.length_c   259.890
_cell.angle_alpha   90.00
_cell.angle_beta   90.00
_cell.angle_gamma   90.00
#
_symmetry.space_group_name_H-M   'P 41 21 2'
#
loop_
_entity.id
_entity.type
_entity.pdbx_description
1 polymer 'Matrix metalloproteinase-9 (EC 3.4.24.35) (MMP-9) (92 kDa type IV collagenase) (92 kDa gelatinase) (Gelatinase B) (GELB)'
2 non-polymer 'ZINC ION'
3 non-polymer 'CALCIUM ION'
4 non-polymer 'CHLORIDE ION'
5 non-polymer NALPHA-{(2S)-3-[(S)-HYDROXY(PHENYL)PHOSPHORYL]-2-[(3-PHENYLISOXAZOL-5-YL)METHYL]PROPANOYL}-L-TRYPTOPHANAMIDE
6 water water
#
_entity_poly.entity_id   1
_entity_poly.type   'polypeptide(L)'
_entity_poly.pdbx_seq_one_letter_code
;FEGDLKWHHHNITYWIQNYSEDLPRAVIDDAFARAFALWSAVTPLTFTRVYSRDADIVIQFGVAEHGDGYPFDGKDGLLA
HAFPPGPGIQGDAHFDDDELWSLGKGQGYSLFLVAAHQFGHALGLDHSSVPEALMYPMYRFTEGPPLHKDDVNGIRHLY
;
_entity_poly.pdbx_strand_id   A,B
#
# COMPACT_ATOMS: atom_id res chain seq x y z
N PHE A 1 1.71 -18.87 9.92
CA PHE A 1 0.32 -19.20 9.49
C PHE A 1 -0.20 -20.42 10.24
N GLU A 2 0.62 -20.95 11.13
CA GLU A 2 0.26 -22.13 11.92
C GLU A 2 -0.48 -21.72 13.18
N GLY A 3 -1.29 -20.68 13.09
CA GLY A 3 -2.04 -20.22 14.24
C GLY A 3 -3.27 -21.07 14.51
N ASP A 4 -3.75 -21.04 15.75
CA ASP A 4 -4.92 -21.82 16.14
C ASP A 4 -5.93 -20.92 16.86
N LEU A 5 -6.16 -19.73 16.32
CA LEU A 5 -7.10 -18.81 16.92
C LEU A 5 -8.19 -18.36 15.96
N LYS A 6 -9.36 -18.03 16.49
CA LYS A 6 -10.47 -17.53 15.67
C LYS A 6 -10.76 -16.11 16.17
N TRP A 7 -11.57 -15.36 15.44
CA TRP A 7 -11.92 -14.00 15.85
C TRP A 7 -12.94 -14.10 16.98
N HIS A 8 -12.80 -13.23 17.99
CA HIS A 8 -13.71 -13.25 19.12
C HIS A 8 -14.89 -12.31 18.93
N HIS A 9 -15.05 -11.83 17.70
CA HIS A 9 -16.17 -10.95 17.36
C HIS A 9 -16.61 -11.33 15.94
N HIS A 10 -17.85 -11.04 15.60
CA HIS A 10 -18.38 -11.36 14.28
C HIS A 10 -18.50 -10.19 13.33
N ASN A 11 -18.33 -8.97 13.82
CA ASN A 11 -18.41 -7.78 12.99
C ASN A 11 -16.99 -7.46 12.53
N ILE A 12 -16.53 -8.15 11.48
CA ILE A 12 -15.19 -7.99 10.95
C ILE A 12 -15.05 -6.80 10.00
N THR A 13 -13.93 -6.11 10.10
CA THR A 13 -13.67 -4.96 9.24
C THR A 13 -12.45 -5.20 8.38
N TYR A 14 -12.45 -4.64 7.17
CA TYR A 14 -11.31 -4.80 6.28
C TYR A 14 -10.95 -3.48 5.62
N TRP A 15 -9.66 -3.34 5.29
CA TRP A 15 -9.18 -2.13 4.64
C TRP A 15 -8.36 -2.46 3.41
N ILE A 16 -8.79 -1.96 2.27
CA ILE A 16 -8.07 -2.17 1.02
C ILE A 16 -6.97 -1.12 0.98
N GLN A 17 -5.76 -1.52 1.38
CA GLN A 17 -4.61 -0.61 1.43
C GLN A 17 -4.18 -0.07 0.08
N ASN A 18 -4.07 -0.95 -0.91
CA ASN A 18 -3.68 -0.51 -2.23
C ASN A 18 -4.30 -1.43 -3.27
N TYR A 19 -4.00 -1.18 -4.54
CA TYR A 19 -4.60 -1.94 -5.63
C TYR A 19 -3.62 -2.50 -6.63
N SER A 20 -4.10 -3.45 -7.44
CA SER A 20 -3.29 -4.03 -8.49
C SER A 20 -3.50 -3.17 -9.74
N GLU A 21 -2.52 -3.14 -10.63
CA GLU A 21 -2.67 -2.34 -11.85
C GLU A 21 -3.34 -3.11 -12.98
N ASP A 22 -3.81 -4.32 -12.71
CA ASP A 22 -4.45 -5.15 -13.74
C ASP A 22 -5.95 -4.93 -13.88
N LEU A 23 -6.57 -4.34 -12.87
CA LEU A 23 -8.02 -4.14 -12.85
C LEU A 23 -8.40 -2.80 -12.24
N PRO A 24 -9.54 -2.24 -12.68
CA PRO A 24 -10.04 -0.96 -12.18
C PRO A 24 -10.36 -1.10 -10.70
N ARG A 25 -10.19 -0.01 -9.94
CA ARG A 25 -10.49 -0.04 -8.52
C ARG A 25 -11.91 -0.49 -8.21
N ALA A 26 -12.89 -0.04 -8.99
CA ALA A 26 -14.28 -0.43 -8.75
C ALA A 26 -14.43 -1.94 -8.89
N VAL A 27 -13.73 -2.53 -9.84
CA VAL A 27 -13.79 -3.97 -10.05
C VAL A 27 -13.17 -4.73 -8.88
N ILE A 28 -12.05 -4.21 -8.39
CA ILE A 28 -11.32 -4.79 -7.26
C ILE A 28 -12.17 -4.72 -5.98
N ASP A 29 -12.74 -3.56 -5.69
CA ASP A 29 -13.58 -3.38 -4.50
C ASP A 29 -14.75 -4.37 -4.54
N ASP A 30 -15.36 -4.52 -5.72
CA ASP A 30 -16.50 -5.42 -5.87
C ASP A 30 -16.08 -6.87 -5.70
N ALA A 31 -14.91 -7.22 -6.24
CA ALA A 31 -14.42 -8.58 -6.15
C ALA A 31 -14.24 -8.96 -4.68
N PHE A 32 -13.60 -8.10 -3.91
CA PHE A 32 -13.41 -8.38 -2.49
C PHE A 32 -14.74 -8.43 -1.74
N ALA A 33 -15.64 -7.51 -2.05
CA ALA A 33 -16.93 -7.51 -1.35
C ALA A 33 -17.69 -8.81 -1.63
N ARG A 34 -17.62 -9.28 -2.86
CA ARG A 34 -18.29 -10.53 -3.24
C ARG A 34 -17.61 -11.75 -2.59
N ALA A 35 -16.29 -11.70 -2.42
CA ALA A 35 -15.56 -12.81 -1.78
C ALA A 35 -15.98 -12.89 -0.31
N PHE A 36 -16.08 -11.74 0.35
CA PHE A 36 -16.51 -11.73 1.73
C PHE A 36 -17.94 -12.20 1.86
N ALA A 37 -18.80 -11.73 0.95
CA ALA A 37 -20.21 -12.12 0.96
C ALA A 37 -20.39 -13.64 0.96
N LEU A 38 -19.45 -14.37 0.37
CA LEU A 38 -19.52 -15.83 0.33
C LEU A 38 -19.50 -16.42 1.73
N TRP A 39 -18.69 -15.86 2.60
CA TRP A 39 -18.57 -16.37 3.97
C TRP A 39 -19.70 -15.83 4.86
N SER A 40 -20.05 -14.57 4.69
CA SER A 40 -21.11 -14.00 5.51
C SER A 40 -22.46 -14.64 5.14
N ALA A 41 -22.56 -15.25 3.96
CA ALA A 41 -23.82 -15.87 3.54
C ALA A 41 -24.14 -17.17 4.29
N VAL A 42 -23.13 -17.80 4.87
CA VAL A 42 -23.33 -19.07 5.59
C VAL A 42 -22.93 -19.02 7.07
N THR A 43 -22.70 -17.81 7.57
CA THR A 43 -22.32 -17.61 8.97
C THR A 43 -22.91 -16.30 9.47
N PRO A 44 -22.87 -16.07 10.79
CA PRO A 44 -23.41 -14.82 11.36
C PRO A 44 -22.38 -13.70 11.21
N LEU A 45 -21.30 -13.98 10.49
CA LEU A 45 -20.25 -12.99 10.31
C LEU A 45 -20.70 -11.87 9.38
N THR A 46 -20.19 -10.66 9.62
CA THR A 46 -20.47 -9.51 8.78
C THR A 46 -19.11 -8.89 8.42
N PHE A 47 -19.04 -8.24 7.27
CA PHE A 47 -17.80 -7.62 6.81
C PHE A 47 -18.07 -6.19 6.37
N THR A 48 -17.37 -5.25 7.00
CA THR A 48 -17.56 -3.84 6.68
C THR A 48 -16.25 -3.21 6.24
N ARG A 49 -16.26 -2.58 5.07
CA ARG A 49 -15.06 -1.92 4.58
C ARG A 49 -14.78 -0.66 5.41
N VAL A 50 -13.53 -0.49 5.84
CA VAL A 50 -13.16 0.71 6.60
C VAL A 50 -11.93 1.34 5.94
N TYR A 51 -11.47 2.47 6.47
CA TYR A 51 -10.31 3.15 5.92
C TYR A 51 -9.35 3.53 7.04
N SER A 52 -8.81 2.53 7.71
CA SER A 52 -7.89 2.72 8.82
C SER A 52 -7.13 1.44 9.10
N ARG A 53 -5.93 1.57 9.66
CA ARG A 53 -5.12 0.41 9.99
C ARG A 53 -5.73 -0.35 11.16
N ASP A 54 -6.79 0.20 11.72
CA ASP A 54 -7.47 -0.45 12.84
C ASP A 54 -8.35 -1.60 12.36
N ALA A 55 -8.39 -1.81 11.04
CA ALA A 55 -9.19 -2.89 10.46
C ALA A 55 -8.63 -4.25 10.87
N ASP A 56 -9.51 -5.25 10.96
CA ASP A 56 -9.07 -6.61 11.31
C ASP A 56 -8.27 -7.20 10.16
N ILE A 57 -8.80 -7.09 8.95
CA ILE A 57 -8.15 -7.63 7.76
C ILE A 57 -7.66 -6.50 6.84
N VAL A 58 -6.34 -6.32 6.77
CA VAL A 58 -5.73 -5.30 5.90
C VAL A 58 -5.32 -6.03 4.63
N ILE A 59 -5.80 -5.53 3.49
CA ILE A 59 -5.53 -6.12 2.18
C ILE A 59 -4.52 -5.30 1.40
N GLN A 60 -3.51 -5.97 0.86
CA GLN A 60 -2.50 -5.27 0.08
C GLN A 60 -1.92 -6.12 -1.05
N PHE A 61 -1.57 -5.45 -2.15
CA PHE A 61 -0.96 -6.12 -3.28
C PHE A 61 0.53 -5.80 -3.16
N GLY A 62 1.38 -6.82 -3.32
CA GLY A 62 2.81 -6.60 -3.24
C GLY A 62 3.56 -7.45 -4.22
N VAL A 63 4.87 -7.21 -4.32
CA VAL A 63 5.74 -7.97 -5.22
C VAL A 63 7.03 -8.31 -4.48
N ALA A 64 7.54 -9.51 -4.70
CA ALA A 64 8.78 -9.94 -4.05
C ALA A 64 8.68 -9.71 -2.53
N GLU A 65 9.75 -9.20 -1.93
CA GLU A 65 9.76 -8.96 -0.48
C GLU A 65 8.81 -7.79 -0.22
N HIS A 66 7.92 -7.96 0.75
CA HIS A 66 6.96 -6.91 1.07
C HIS A 66 6.74 -6.63 2.55
N GLY A 67 7.77 -6.85 3.36
CA GLY A 67 7.63 -6.58 4.78
C GLY A 67 7.65 -7.77 5.71
N ASP A 68 7.13 -8.91 5.26
CA ASP A 68 7.10 -10.10 6.11
C ASP A 68 8.13 -11.15 5.69
N GLY A 69 8.26 -12.21 6.48
CA GLY A 69 9.25 -13.22 6.15
C GLY A 69 8.81 -14.18 5.06
N TYR A 70 7.87 -13.74 4.22
CA TYR A 70 7.37 -14.58 3.14
C TYR A 70 7.19 -13.80 1.84
N PRO A 71 8.29 -13.54 1.13
CA PRO A 71 8.23 -12.80 -0.13
C PRO A 71 7.56 -13.59 -1.25
N PHE A 72 7.03 -12.87 -2.23
CA PHE A 72 6.39 -13.52 -3.36
C PHE A 72 7.46 -13.97 -4.37
N ASP A 73 7.09 -14.92 -5.22
CA ASP A 73 8.01 -15.50 -6.18
C ASP A 73 7.80 -15.04 -7.61
N GLY A 74 7.07 -13.96 -7.80
CA GLY A 74 6.84 -13.48 -9.15
C GLY A 74 5.73 -14.22 -9.87
N LYS A 75 5.84 -14.29 -11.20
CA LYS A 75 4.84 -14.95 -12.03
C LYS A 75 4.51 -16.38 -11.58
N ASP A 76 3.22 -16.65 -11.40
CA ASP A 76 2.74 -17.95 -10.96
C ASP A 76 3.29 -18.37 -9.59
N GLY A 77 3.21 -19.67 -9.29
CA GLY A 77 3.68 -20.16 -8.01
C GLY A 77 2.77 -19.69 -6.88
N LEU A 78 3.35 -19.03 -5.89
CA LEU A 78 2.59 -18.50 -4.77
C LEU A 78 1.77 -17.33 -5.31
N LEU A 79 0.45 -17.40 -5.17
CA LEU A 79 -0.43 -16.35 -5.67
C LEU A 79 -0.72 -15.29 -4.61
N ALA A 80 -0.77 -15.73 -3.36
CA ALA A 80 -1.07 -14.84 -2.26
C ALA A 80 -1.01 -15.63 -0.96
N HIS A 81 -1.15 -14.92 0.16
CA HIS A 81 -1.15 -15.56 1.46
C HIS A 81 -1.82 -14.64 2.47
N ALA A 82 -2.29 -15.24 3.55
CA ALA A 82 -2.99 -14.49 4.59
C ALA A 82 -2.65 -15.07 5.96
N PHE A 83 -2.69 -14.23 6.99
CA PHE A 83 -2.37 -14.68 8.34
C PHE A 83 -3.65 -14.98 9.13
N PRO A 84 -3.61 -16.03 9.97
CA PRO A 84 -4.77 -16.41 10.78
C PRO A 84 -5.15 -15.31 11.77
N PRO A 85 -6.37 -15.39 12.34
CA PRO A 85 -6.87 -14.40 13.29
C PRO A 85 -5.88 -13.99 14.37
N GLY A 86 -5.97 -12.73 14.77
CA GLY A 86 -5.09 -12.19 15.80
C GLY A 86 -4.79 -10.72 15.56
N PRO A 87 -4.12 -10.06 16.51
CA PRO A 87 -3.79 -8.63 16.37
C PRO A 87 -2.62 -8.38 15.42
N GLY A 88 -2.44 -7.13 15.02
CA GLY A 88 -1.36 -6.78 14.12
C GLY A 88 -1.52 -7.29 12.70
N ILE A 89 -0.44 -7.84 12.15
CA ILE A 89 -0.45 -8.35 10.80
C ILE A 89 -1.38 -9.55 10.68
N GLN A 90 -1.69 -10.18 11.81
CA GLN A 90 -2.58 -11.34 11.81
C GLN A 90 -3.91 -10.95 11.16
N GLY A 91 -4.46 -11.85 10.34
CA GLY A 91 -5.72 -11.57 9.66
C GLY A 91 -5.53 -10.85 8.33
N ASP A 92 -4.37 -10.26 8.11
CA ASP A 92 -4.11 -9.53 6.87
C ASP A 92 -3.96 -10.46 5.66
N ALA A 93 -4.33 -9.96 4.48
CA ALA A 93 -4.26 -10.72 3.24
C ALA A 93 -3.40 -10.00 2.19
N HIS A 94 -2.37 -10.69 1.70
CA HIS A 94 -1.45 -10.13 0.72
C HIS A 94 -1.60 -10.85 -0.61
N PHE A 95 -1.60 -10.08 -1.70
CA PHE A 95 -1.74 -10.61 -3.06
C PHE A 95 -0.52 -10.26 -3.91
N ASP A 96 0.03 -11.27 -4.59
CA ASP A 96 1.23 -11.09 -5.44
C ASP A 96 0.86 -10.35 -6.74
N ASP A 97 1.24 -9.09 -6.84
CA ASP A 97 0.89 -8.34 -8.04
C ASP A 97 1.71 -8.68 -9.29
N ASP A 98 2.62 -9.65 -9.16
CA ASP A 98 3.38 -10.07 -10.33
C ASP A 98 2.49 -11.04 -11.09
N GLU A 99 1.36 -11.40 -10.50
CA GLU A 99 0.42 -12.28 -11.19
C GLU A 99 -0.47 -11.41 -12.09
N LEU A 100 -1.07 -12.02 -13.10
CA LEU A 100 -2.01 -11.32 -13.96
C LEU A 100 -3.38 -11.52 -13.32
N TRP A 101 -3.90 -10.49 -12.67
CA TRP A 101 -5.20 -10.60 -12.01
C TRP A 101 -6.34 -10.32 -12.98
N SER A 102 -7.34 -11.19 -12.97
CA SER A 102 -8.50 -11.04 -13.84
C SER A 102 -9.71 -11.65 -13.12
N LEU A 103 -10.73 -12.02 -13.89
CA LEU A 103 -11.93 -12.64 -13.33
C LEU A 103 -12.49 -13.60 -14.37
N GLY A 104 -13.30 -14.56 -13.93
CA GLY A 104 -13.93 -15.52 -14.81
C GLY A 104 -13.02 -16.33 -15.72
N LYS A 105 -13.57 -16.88 -16.79
CA LYS A 105 -12.77 -17.66 -17.72
C LYS A 105 -11.69 -16.81 -18.39
N GLY A 106 -10.62 -17.45 -18.86
CA GLY A 106 -9.56 -16.72 -19.53
C GLY A 106 -8.23 -16.85 -18.81
N GLN A 107 -7.20 -16.22 -19.37
CA GLN A 107 -5.88 -16.30 -18.76
C GLN A 107 -5.82 -15.46 -17.49
N GLY A 108 -4.81 -15.71 -16.67
CA GLY A 108 -4.69 -14.97 -15.43
C GLY A 108 -5.42 -15.69 -14.32
N TYR A 109 -5.37 -15.13 -13.13
CA TYR A 109 -6.02 -15.72 -11.97
C TYR A 109 -7.21 -14.90 -11.51
N SER A 110 -8.28 -15.58 -11.11
CA SER A 110 -9.46 -14.88 -10.64
C SER A 110 -9.21 -14.25 -9.27
N LEU A 111 -9.20 -12.92 -9.21
CA LEU A 111 -9.00 -12.23 -7.94
C LEU A 111 -10.12 -12.59 -6.98
N PHE A 112 -11.32 -12.79 -7.52
CA PHE A 112 -12.50 -13.16 -6.71
C PHE A 112 -12.26 -14.49 -5.96
N LEU A 113 -11.93 -15.55 -6.71
CA LEU A 113 -11.68 -16.84 -6.08
C LEU A 113 -10.47 -16.82 -5.13
N VAL A 114 -9.36 -16.22 -5.57
CA VAL A 114 -8.19 -16.17 -4.70
C VAL A 114 -8.51 -15.40 -3.41
N ALA A 115 -9.23 -14.29 -3.54
CA ALA A 115 -9.58 -13.49 -2.37
C ALA A 115 -10.43 -14.33 -1.41
N ALA A 116 -11.44 -15.01 -1.95
CA ALA A 116 -12.32 -15.83 -1.15
C ALA A 116 -11.50 -16.85 -0.35
N HIS A 117 -10.51 -17.45 -1.03
CA HIS A 117 -9.62 -18.43 -0.41
C HIS A 117 -8.83 -17.74 0.69
N GLN A 118 -8.22 -16.60 0.36
CA GLN A 118 -7.42 -15.87 1.34
C GLN A 118 -8.22 -15.45 2.57
N PHE A 119 -9.44 -14.97 2.35
CA PHE A 119 -10.28 -14.52 3.46
C PHE A 119 -10.62 -15.72 4.31
N GLY A 120 -10.68 -16.90 3.68
CA GLY A 120 -10.96 -18.10 4.43
C GLY A 120 -9.85 -18.29 5.46
N HIS A 121 -8.60 -18.13 5.04
CA HIS A 121 -7.45 -18.27 5.96
C HIS A 121 -7.45 -17.16 7.00
N ALA A 122 -7.81 -15.96 6.57
CA ALA A 122 -7.85 -14.81 7.47
C ALA A 122 -8.88 -15.02 8.56
N LEU A 123 -9.80 -15.95 8.33
CA LEU A 123 -10.83 -16.24 9.30
C LEU A 123 -10.44 -17.44 10.16
N GLY A 124 -9.30 -18.04 9.86
CA GLY A 124 -8.83 -19.17 10.64
C GLY A 124 -8.99 -20.55 10.01
N LEU A 125 -9.55 -20.59 8.80
CA LEU A 125 -9.74 -21.86 8.10
C LEU A 125 -8.46 -22.48 7.60
N ASP A 126 -8.36 -23.80 7.76
CA ASP A 126 -7.20 -24.55 7.28
C ASP A 126 -7.52 -25.09 5.90
N HIS A 127 -6.58 -25.82 5.31
CA HIS A 127 -6.79 -26.37 3.97
C HIS A 127 -7.71 -27.58 3.93
N SER A 128 -8.38 -27.75 2.80
CA SER A 128 -9.27 -28.88 2.60
C SER A 128 -8.57 -29.92 1.75
N SER A 129 -8.95 -31.19 1.92
CA SER A 129 -8.37 -32.27 1.15
C SER A 129 -9.22 -32.55 -0.10
N VAL A 130 -10.39 -31.91 -0.16
CA VAL A 130 -11.31 -32.07 -1.28
C VAL A 130 -10.85 -31.19 -2.46
N PRO A 131 -10.43 -31.83 -3.57
CA PRO A 131 -9.96 -31.11 -4.76
C PRO A 131 -10.91 -30.06 -5.33
N GLU A 132 -12.21 -30.26 -5.11
CA GLU A 132 -13.23 -29.34 -5.61
C GLU A 132 -13.55 -28.21 -4.63
N ALA A 133 -12.98 -28.25 -3.44
CA ALA A 133 -13.26 -27.23 -2.45
C ALA A 133 -12.46 -25.95 -2.67
N LEU A 134 -13.03 -24.83 -2.25
CA LEU A 134 -12.34 -23.54 -2.38
C LEU A 134 -11.08 -23.53 -1.53
N MET A 135 -11.11 -24.18 -0.38
CA MET A 135 -9.94 -24.17 0.50
C MET A 135 -8.92 -25.23 0.15
N TYR A 136 -9.01 -25.77 -1.06
CA TYR A 136 -8.03 -26.75 -1.52
C TYR A 136 -6.77 -25.90 -1.70
N PRO A 137 -5.57 -26.48 -1.47
CA PRO A 137 -4.30 -25.77 -1.61
C PRO A 137 -3.94 -25.21 -2.99
N MET A 138 -4.42 -25.88 -4.04
CA MET A 138 -4.08 -25.48 -5.41
C MET A 138 -5.23 -24.79 -6.17
N TYR A 139 -4.92 -23.61 -6.71
CA TYR A 139 -5.89 -22.84 -7.48
C TYR A 139 -6.38 -23.58 -8.71
N ARG A 140 -7.69 -23.54 -8.94
CA ARG A 140 -8.29 -24.17 -10.10
C ARG A 140 -9.56 -23.37 -10.40
N PHE A 141 -9.72 -22.87 -11.62
CA PHE A 141 -10.91 -22.10 -11.94
C PHE A 141 -12.05 -23.01 -12.39
N THR A 142 -13.25 -22.76 -11.83
CA THR A 142 -14.45 -23.52 -12.17
C THR A 142 -15.61 -22.56 -11.98
N GLU A 143 -16.73 -22.85 -12.65
CA GLU A 143 -17.93 -22.02 -12.54
C GLU A 143 -18.78 -22.57 -11.39
N GLY A 144 -19.86 -21.88 -11.06
CA GLY A 144 -20.74 -22.32 -9.98
C GLY A 144 -20.36 -21.77 -8.62
N PRO A 145 -21.18 -22.05 -7.58
CA PRO A 145 -20.93 -21.59 -6.21
C PRO A 145 -19.53 -21.97 -5.73
N PRO A 146 -18.72 -20.97 -5.36
CA PRO A 146 -17.35 -21.21 -4.89
C PRO A 146 -17.27 -22.09 -3.64
N LEU A 147 -18.18 -21.90 -2.70
CA LEU A 147 -18.10 -22.70 -1.49
C LEU A 147 -18.63 -24.12 -1.61
N HIS A 148 -17.75 -25.08 -1.35
CA HIS A 148 -18.10 -26.49 -1.39
C HIS A 148 -18.64 -26.89 0.00
N LYS A 149 -19.40 -27.98 0.08
CA LYS A 149 -19.96 -28.43 1.36
C LYS A 149 -18.89 -28.47 2.45
N ASP A 150 -17.69 -28.90 2.10
CA ASP A 150 -16.61 -28.97 3.08
C ASP A 150 -16.20 -27.56 3.57
N ASP A 151 -16.25 -26.56 2.68
CA ASP A 151 -15.88 -25.20 3.08
C ASP A 151 -16.94 -24.65 4.06
N VAL A 152 -18.21 -24.87 3.74
CA VAL A 152 -19.29 -24.40 4.61
C VAL A 152 -19.19 -25.03 6.00
N ASN A 153 -18.97 -26.34 6.07
CA ASN A 153 -18.86 -27.03 7.35
C ASN A 153 -17.69 -26.48 8.15
N GLY A 154 -16.57 -26.26 7.47
CA GLY A 154 -15.40 -25.74 8.15
C GLY A 154 -15.61 -24.37 8.76
N ILE A 155 -16.15 -23.44 7.99
CA ILE A 155 -16.36 -22.09 8.50
C ILE A 155 -17.42 -22.07 9.60
N ARG A 156 -18.48 -22.88 9.42
CA ARG A 156 -19.53 -22.95 10.43
C ARG A 156 -19.06 -23.63 11.70
N HIS A 157 -18.01 -24.44 11.62
CA HIS A 157 -17.52 -25.13 12.81
C HIS A 157 -16.79 -24.12 13.69
N LEU A 158 -16.34 -23.04 13.08
CA LEU A 158 -15.64 -21.99 13.80
C LEU A 158 -16.55 -20.87 14.27
N TYR A 159 -17.48 -20.47 13.42
CA TYR A 159 -18.38 -19.38 13.77
C TYR A 159 -19.85 -19.75 13.69
N LEU B 5 14.19 21.29 14.56
CA LEU B 5 13.36 20.06 14.59
C LEU B 5 13.85 19.08 13.50
N LYS B 6 14.31 17.92 13.94
CA LYS B 6 14.83 16.92 13.01
C LYS B 6 14.80 15.53 13.63
N TRP B 7 15.11 14.52 12.81
CA TRP B 7 15.11 13.15 13.30
C TRP B 7 16.31 12.97 14.23
N HIS B 8 16.16 12.11 15.23
CA HIS B 8 17.21 11.84 16.18
C HIS B 8 18.02 10.59 15.82
N HIS B 9 17.76 10.05 14.64
CA HIS B 9 18.47 8.88 14.14
C HIS B 9 18.78 9.12 12.67
N HIS B 10 19.79 8.42 12.15
CA HIS B 10 20.18 8.58 10.76
C HIS B 10 19.63 7.51 9.82
N ASN B 11 19.32 6.33 10.35
CA ASN B 11 18.79 5.27 9.51
C ASN B 11 17.29 5.42 9.37
N ILE B 12 16.88 6.34 8.50
CA ILE B 12 15.47 6.62 8.27
C ILE B 12 14.75 5.54 7.46
N THR B 13 13.48 5.32 7.78
CA THR B 13 12.71 4.31 7.08
C THR B 13 11.48 4.93 6.46
N TYR B 14 11.06 4.40 5.31
CA TYR B 14 9.89 4.91 4.63
C TYR B 14 9.02 3.78 4.13
N TRP B 15 7.74 4.08 3.97
CA TRP B 15 6.78 3.11 3.50
C TRP B 15 5.85 3.68 2.43
N ILE B 16 5.86 3.07 1.25
CA ILE B 16 5.01 3.49 0.16
C ILE B 16 3.69 2.76 0.39
N GLN B 17 2.74 3.42 1.04
CA GLN B 17 1.46 2.81 1.36
C GLN B 17 0.62 2.44 0.15
N ASN B 18 0.49 3.38 -0.78
CA ASN B 18 -0.30 3.13 -1.98
C ASN B 18 0.30 3.84 -3.19
N TYR B 19 -0.39 3.78 -4.31
CA TYR B 19 0.14 4.38 -5.53
C TYR B 19 -0.87 5.21 -6.31
N SER B 20 -0.38 5.84 -7.38
CA SER B 20 -1.22 6.63 -8.25
C SER B 20 -1.41 5.85 -9.53
N GLU B 21 -2.59 5.97 -10.15
CA GLU B 21 -2.86 5.26 -11.41
C GLU B 21 -2.15 5.94 -12.58
N ASP B 22 -1.55 7.10 -12.34
CA ASP B 22 -0.84 7.80 -13.41
C ASP B 22 0.49 7.16 -13.80
N LEU B 23 1.05 6.36 -12.90
CA LEU B 23 2.35 5.74 -13.13
C LEU B 23 2.47 4.31 -12.63
N PRO B 24 3.29 3.48 -13.29
CA PRO B 24 3.48 2.09 -12.89
C PRO B 24 4.18 2.03 -11.53
N ARG B 25 3.87 1.00 -10.76
CA ARG B 25 4.48 0.80 -9.45
C ARG B 25 6.00 0.93 -9.49
N ALA B 26 6.64 0.27 -10.45
CA ALA B 26 8.10 0.32 -10.57
C ALA B 26 8.63 1.74 -10.73
N VAL B 27 7.92 2.55 -11.50
CA VAL B 27 8.33 3.93 -11.73
C VAL B 27 8.19 4.75 -10.44
N ILE B 28 7.09 4.57 -9.74
CA ILE B 28 6.87 5.28 -8.48
C ILE B 28 7.94 4.92 -7.45
N ASP B 29 8.17 3.62 -7.25
CA ASP B 29 9.15 3.18 -6.27
C ASP B 29 10.51 3.81 -6.55
N ASP B 30 10.89 3.82 -7.83
CA ASP B 30 12.18 4.37 -8.24
C ASP B 30 12.24 5.87 -8.07
N ALA B 31 11.12 6.55 -8.35
CA ALA B 31 11.06 7.99 -8.22
C ALA B 31 11.31 8.38 -6.76
N PHE B 32 10.65 7.69 -5.84
CA PHE B 32 10.84 8.01 -4.44
C PHE B 32 12.24 7.65 -3.97
N ALA B 33 12.74 6.51 -4.42
CA ALA B 33 14.08 6.07 -4.02
C ALA B 33 15.12 7.09 -4.49
N ARG B 34 15.02 7.56 -5.74
CA ARG B 34 15.98 8.52 -6.27
C ARG B 34 15.87 9.87 -5.56
N ALA B 35 14.66 10.23 -5.12
CA ALA B 35 14.45 11.48 -4.42
C ALA B 35 15.17 11.43 -3.07
N PHE B 36 15.07 10.29 -2.39
CA PHE B 36 15.74 10.11 -1.10
C PHE B 36 17.25 10.12 -1.30
N ALA B 37 17.71 9.48 -2.37
CA ALA B 37 19.14 9.40 -2.67
C ALA B 37 19.77 10.79 -2.78
N LEU B 38 19.01 11.77 -3.23
CA LEU B 38 19.53 13.12 -3.35
C LEU B 38 19.98 13.63 -1.97
N TRP B 39 19.18 13.35 -0.96
CA TRP B 39 19.49 13.80 0.39
C TRP B 39 20.56 12.97 1.09
N SER B 40 20.53 11.66 0.89
CA SER B 40 21.53 10.82 1.52
C SER B 40 22.88 11.00 0.84
N ALA B 41 22.89 11.60 -0.34
CA ALA B 41 24.16 11.82 -1.05
C ALA B 41 24.99 12.94 -0.42
N VAL B 42 24.33 13.83 0.31
CA VAL B 42 25.04 14.95 0.93
C VAL B 42 24.95 14.97 2.45
N THR B 43 24.56 13.83 3.03
CA THR B 43 24.43 13.71 4.48
C THR B 43 24.71 12.28 4.92
N PRO B 44 24.85 12.05 6.23
CA PRO B 44 25.11 10.70 6.74
C PRO B 44 23.80 9.90 6.85
N LEU B 45 22.72 10.52 6.40
CA LEU B 45 21.42 9.87 6.46
C LEU B 45 21.30 8.74 5.45
N THR B 46 20.55 7.69 5.82
CA THR B 46 20.30 6.57 4.92
C THR B 46 18.78 6.36 4.91
N PHE B 47 18.25 5.77 3.84
CA PHE B 47 16.80 5.54 3.73
C PHE B 47 16.51 4.11 3.34
N THR B 48 15.78 3.41 4.19
CA THR B 48 15.45 2.01 3.96
C THR B 48 13.95 1.86 3.79
N ARG B 49 13.55 1.18 2.72
CA ARG B 49 12.14 0.97 2.44
C ARG B 49 11.60 -0.13 3.35
N VAL B 50 10.49 0.17 4.01
CA VAL B 50 9.81 -0.77 4.91
C VAL B 50 8.35 -0.87 4.47
N TYR B 51 7.59 -1.73 5.12
CA TYR B 51 6.20 -1.91 4.73
C TYR B 51 5.19 -1.90 5.86
N SER B 52 5.39 -1.02 6.85
CA SER B 52 4.47 -0.93 7.98
C SER B 52 4.45 0.51 8.53
N ARG B 53 3.49 0.77 9.42
CA ARG B 53 3.33 2.07 10.06
C ARG B 53 4.51 2.45 10.93
N ASP B 54 5.42 1.50 11.13
CA ASP B 54 6.61 1.73 11.95
C ASP B 54 7.57 2.66 11.23
N ALA B 55 7.35 2.86 9.93
CA ALA B 55 8.20 3.73 9.13
C ALA B 55 8.17 5.17 9.65
N ASP B 56 9.29 5.87 9.49
CA ASP B 56 9.37 7.27 9.91
C ASP B 56 8.53 8.09 8.92
N ILE B 57 8.72 7.81 7.64
CA ILE B 57 7.99 8.53 6.58
C ILE B 57 7.02 7.64 5.82
N VAL B 58 5.73 7.79 6.11
CA VAL B 58 4.72 7.02 5.40
C VAL B 58 4.28 7.85 4.22
N ILE B 59 4.42 7.27 3.03
CA ILE B 59 4.07 7.93 1.76
C ILE B 59 2.68 7.45 1.34
N GLN B 60 1.83 8.41 0.99
CA GLN B 60 0.48 8.08 0.59
C GLN B 60 -0.08 9.02 -0.49
N PHE B 61 -0.84 8.44 -1.42
CA PHE B 61 -1.45 9.23 -2.46
C PHE B 61 -2.90 9.34 -2.03
N GLY B 62 -3.51 10.51 -2.25
CA GLY B 62 -4.90 10.71 -1.88
C GLY B 62 -5.55 11.87 -2.63
N VAL B 63 -6.86 12.00 -2.54
CA VAL B 63 -7.58 13.09 -3.20
C VAL B 63 -8.56 13.71 -2.22
N ALA B 64 -8.69 15.04 -2.25
CA ALA B 64 -9.60 15.73 -1.34
C ALA B 64 -9.36 15.24 0.09
N GLU B 65 -10.42 14.77 0.75
CA GLU B 65 -10.29 14.28 2.13
C GLU B 65 -9.65 12.91 2.11
N HIS B 66 -8.51 12.76 2.74
CA HIS B 66 -7.83 11.47 2.73
C HIS B 66 -7.38 11.01 4.11
N GLY B 67 -8.14 11.35 5.13
CA GLY B 67 -7.77 10.93 6.47
C GLY B 67 -7.47 12.09 7.40
N ASP B 68 -6.24 12.57 7.36
CA ASP B 68 -5.84 13.67 8.21
C ASP B 68 -6.79 14.85 8.05
N GLY B 69 -6.73 15.80 8.97
CA GLY B 69 -7.62 16.92 8.86
C GLY B 69 -7.16 17.95 7.85
N TYR B 70 -6.46 17.52 6.81
CA TYR B 70 -5.95 18.45 5.79
C TYR B 70 -6.23 17.97 4.36
N PRO B 71 -7.46 18.17 3.87
CA PRO B 71 -7.84 17.75 2.53
C PRO B 71 -7.07 18.45 1.42
N PHE B 72 -6.87 17.76 0.30
CA PHE B 72 -6.18 18.38 -0.82
C PHE B 72 -7.20 19.26 -1.55
N ASP B 73 -6.69 20.12 -2.44
CA ASP B 73 -7.52 21.09 -3.17
C ASP B 73 -7.83 20.75 -4.63
N GLY B 74 -7.69 19.48 -5.00
CA GLY B 74 -7.96 19.10 -6.38
C GLY B 74 -6.87 19.51 -7.35
N LYS B 75 -7.24 19.57 -8.63
CA LYS B 75 -6.31 19.92 -9.70
C LYS B 75 -5.49 21.19 -9.43
N ASP B 76 -4.18 21.07 -9.63
CA ASP B 76 -3.27 22.18 -9.42
C ASP B 76 -3.25 22.72 -7.99
N GLY B 77 -2.73 23.92 -7.80
CA GLY B 77 -2.65 24.48 -6.46
C GLY B 77 -1.69 23.66 -5.61
N LEU B 78 -2.15 23.19 -4.45
CA LEU B 78 -1.31 22.40 -3.56
C LEU B 78 -1.08 21.05 -4.23
N LEU B 79 0.19 20.69 -4.41
CA LEU B 79 0.56 19.44 -5.08
C LEU B 79 0.75 18.29 -4.08
N ALA B 80 1.02 18.64 -2.83
CA ALA B 80 1.26 17.64 -1.80
C ALA B 80 1.66 18.34 -0.52
N HIS B 81 1.74 17.57 0.57
CA HIS B 81 2.18 18.15 1.83
C HIS B 81 2.87 17.12 2.71
N ALA B 82 3.74 17.59 3.60
CA ALA B 82 4.47 16.69 4.48
C ALA B 82 4.61 17.29 5.87
N PHE B 83 4.77 16.44 6.87
CA PHE B 83 4.90 16.90 8.25
C PHE B 83 6.33 16.76 8.70
N PRO B 84 6.78 17.66 9.61
CA PRO B 84 8.14 17.61 10.11
C PRO B 84 8.40 16.36 10.97
N PRO B 85 9.68 16.02 11.22
CA PRO B 85 10.04 14.84 12.01
C PRO B 85 9.28 14.75 13.34
N GLY B 86 8.95 13.52 13.74
CA GLY B 86 8.22 13.31 14.97
C GLY B 86 7.45 12.00 14.96
N PRO B 87 6.69 11.68 16.02
CA PRO B 87 5.91 10.45 16.10
C PRO B 87 4.59 10.54 15.34
N GLY B 88 3.96 9.39 15.14
CA GLY B 88 2.68 9.34 14.45
C GLY B 88 2.75 9.82 13.01
N ILE B 89 1.80 10.69 12.64
CA ILE B 89 1.73 11.22 11.28
C ILE B 89 2.90 12.15 10.95
N GLN B 90 3.63 12.58 11.97
CA GLN B 90 4.76 13.46 11.74
C GLN B 90 5.76 12.74 10.84
N GLY B 91 6.34 13.47 9.90
CA GLY B 91 7.31 12.89 8.98
C GLY B 91 6.67 12.28 7.73
N ASP B 92 5.35 12.14 7.74
CA ASP B 92 4.66 11.56 6.59
C ASP B 92 4.55 12.55 5.43
N ALA B 93 4.46 12.00 4.21
CA ALA B 93 4.35 12.79 3.00
C ALA B 93 3.20 12.27 2.13
N HIS B 94 2.26 13.16 1.82
CA HIS B 94 1.09 12.82 1.03
C HIS B 94 1.11 13.58 -0.30
N PHE B 95 0.69 12.92 -1.36
CA PHE B 95 0.67 13.52 -2.69
C PHE B 95 -0.75 13.58 -3.23
N ASP B 96 -1.12 14.73 -3.78
CA ASP B 96 -2.47 14.94 -4.31
C ASP B 96 -2.66 14.22 -5.64
N ASP B 97 -3.44 13.15 -5.65
CA ASP B 97 -3.63 12.39 -6.88
C ASP B 97 -4.62 13.00 -7.86
N ASP B 98 -5.07 14.22 -7.58
CA ASP B 98 -5.93 14.93 -8.53
C ASP B 98 -4.97 15.60 -9.52
N GLU B 99 -3.69 15.56 -9.22
CA GLU B 99 -2.70 16.15 -10.12
C GLU B 99 -2.30 15.03 -11.09
N LEU B 100 -1.85 15.40 -12.28
CA LEU B 100 -1.37 14.43 -13.26
C LEU B 100 0.11 14.22 -12.92
N TRP B 101 0.46 13.03 -12.43
CA TRP B 101 1.84 12.74 -12.07
C TRP B 101 2.60 12.12 -13.23
N SER B 102 3.77 12.69 -13.52
CA SER B 102 4.63 12.21 -14.59
C SER B 102 6.09 12.44 -14.18
N LEU B 103 6.98 12.51 -15.17
CA LEU B 103 8.40 12.74 -14.91
C LEU B 103 9.00 13.48 -16.11
N GLY B 104 10.12 14.17 -15.90
CA GLY B 104 10.77 14.86 -17.00
C GLY B 104 9.94 15.94 -17.67
N LYS B 105 10.33 16.32 -18.88
CA LYS B 105 9.61 17.35 -19.63
C LYS B 105 8.23 16.85 -20.00
N GLY B 106 7.32 17.77 -20.30
CA GLY B 106 6.00 17.35 -20.70
C GLY B 106 4.93 17.74 -19.71
N GLN B 107 3.68 17.43 -20.06
CA GLN B 107 2.53 17.76 -19.23
C GLN B 107 2.56 17.02 -17.89
N GLY B 108 1.95 17.61 -16.88
CA GLY B 108 1.93 16.98 -15.58
C GLY B 108 3.04 17.48 -14.70
N TYR B 109 3.02 17.07 -13.44
CA TYR B 109 4.02 17.47 -12.46
C TYR B 109 4.99 16.33 -12.22
N SER B 110 6.28 16.64 -12.05
CA SER B 110 7.27 15.60 -11.79
C SER B 110 7.16 15.05 -10.38
N LEU B 111 6.81 13.77 -10.27
CA LEU B 111 6.69 13.14 -8.96
C LEU B 111 8.05 13.15 -8.26
N PHE B 112 9.11 13.00 -9.05
CA PHE B 112 10.48 12.99 -8.54
C PHE B 112 10.84 14.29 -7.83
N LEU B 113 10.64 15.43 -8.50
CA LEU B 113 10.95 16.72 -7.92
C LEU B 113 10.05 17.05 -6.72
N VAL B 114 8.76 16.77 -6.85
CA VAL B 114 7.84 17.06 -5.76
C VAL B 114 8.20 16.19 -4.55
N ALA B 115 8.49 14.91 -4.79
CA ALA B 115 8.83 14.01 -3.69
C ALA B 115 10.12 14.51 -3.02
N ALA B 116 11.09 14.95 -3.82
CA ALA B 116 12.34 15.42 -3.24
C ALA B 116 12.07 16.60 -2.32
N HIS B 117 11.16 17.48 -2.74
CA HIS B 117 10.76 18.66 -1.97
C HIS B 117 10.07 18.23 -0.68
N GLN B 118 9.10 17.31 -0.80
CA GLN B 118 8.37 16.79 0.36
C GLN B 118 9.31 16.10 1.37
N PHE B 119 10.25 15.30 0.87
CA PHE B 119 11.15 14.62 1.78
C PHE B 119 12.03 15.65 2.49
N GLY B 120 12.24 16.80 1.86
CA GLY B 120 13.02 17.86 2.47
C GLY B 120 12.30 18.29 3.74
N HIS B 121 11.00 18.51 3.61
CA HIS B 121 10.17 18.89 4.76
C HIS B 121 10.12 17.76 5.78
N ALA B 122 9.97 16.53 5.30
CA ALA B 122 9.89 15.37 6.18
C ALA B 122 11.17 15.19 6.97
N LEU B 123 12.24 15.82 6.51
CA LEU B 123 13.53 15.76 7.19
C LEU B 123 13.73 16.96 8.11
N GLY B 124 12.78 17.90 8.08
CA GLY B 124 12.88 19.07 8.94
C GLY B 124 13.27 20.37 8.25
N LEU B 125 13.47 20.32 6.93
CA LEU B 125 13.84 21.52 6.19
C LEU B 125 12.67 22.46 5.96
N ASP B 126 12.93 23.76 6.05
CA ASP B 126 11.91 24.77 5.83
C ASP B 126 12.05 25.22 4.38
N HIS B 127 11.40 26.32 4.03
CA HIS B 127 11.46 26.86 2.66
C HIS B 127 12.66 27.76 2.42
N SER B 128 13.09 27.82 1.16
CA SER B 128 14.21 28.64 0.75
C SER B 128 13.70 29.87 0.00
N SER B 129 14.53 30.92 -0.03
CA SER B 129 14.16 32.15 -0.74
C SER B 129 14.81 32.15 -2.12
N VAL B 130 15.68 31.17 -2.37
CA VAL B 130 16.36 31.06 -3.65
C VAL B 130 15.43 30.43 -4.70
N PRO B 131 14.99 31.21 -5.69
CA PRO B 131 14.10 30.77 -6.76
C PRO B 131 14.52 29.49 -7.46
N GLU B 132 15.82 29.25 -7.55
CA GLU B 132 16.32 28.04 -8.20
C GLU B 132 16.54 26.87 -7.22
N ALA B 133 16.25 27.08 -5.94
CA ALA B 133 16.45 26.01 -4.96
C ALA B 133 15.29 25.01 -4.93
N LEU B 134 15.58 23.76 -4.64
CA LEU B 134 14.54 22.73 -4.55
C LEU B 134 13.52 23.10 -3.48
N MET B 135 13.98 23.63 -2.34
CA MET B 135 13.05 23.98 -1.28
C MET B 135 12.34 25.31 -1.48
N TYR B 136 12.35 25.82 -2.71
CA TYR B 136 11.65 27.06 -3.01
C TYR B 136 10.17 26.64 -2.95
N PRO B 137 9.31 27.50 -2.41
CA PRO B 137 7.88 27.14 -2.33
C PRO B 137 7.16 26.88 -3.64
N MET B 138 7.58 27.55 -4.71
CA MET B 138 6.94 27.43 -6.02
C MET B 138 7.53 26.36 -6.93
N TYR B 139 6.69 25.41 -7.31
CA TYR B 139 7.11 24.32 -8.20
C TYR B 139 7.54 24.89 -9.53
N ARG B 140 8.52 24.26 -10.15
CA ARG B 140 9.01 24.66 -11.45
C ARG B 140 9.87 23.53 -11.98
N PHE B 141 9.56 23.04 -13.16
CA PHE B 141 10.35 21.97 -13.72
C PHE B 141 11.60 22.53 -14.40
N THR B 142 12.72 21.86 -14.17
CA THR B 142 14.00 22.24 -14.76
C THR B 142 14.91 21.02 -14.72
N GLU B 143 15.86 20.95 -15.66
CA GLU B 143 16.79 19.83 -15.71
C GLU B 143 18.01 20.13 -14.84
N GLY B 144 18.87 19.14 -14.64
CA GLY B 144 20.06 19.31 -13.83
C GLY B 144 19.85 18.89 -12.38
N PRO B 145 20.93 18.85 -11.58
CA PRO B 145 20.86 18.45 -10.17
C PRO B 145 19.83 19.28 -9.40
N PRO B 146 18.83 18.61 -8.81
CA PRO B 146 17.78 19.27 -8.04
C PRO B 146 18.26 20.06 -6.82
N LEU B 147 19.31 19.57 -6.16
CA LEU B 147 19.79 20.25 -4.96
C LEU B 147 20.69 21.45 -5.25
N HIS B 148 20.22 22.62 -4.85
CA HIS B 148 20.94 23.86 -5.01
C HIS B 148 21.88 24.02 -3.82
N LYS B 149 22.86 24.92 -3.94
CA LYS B 149 23.81 25.17 -2.87
C LYS B 149 23.10 25.43 -1.55
N ASP B 150 22.01 26.19 -1.59
CA ASP B 150 21.26 26.51 -0.39
C ASP B 150 20.60 25.26 0.22
N ASP B 151 20.18 24.32 -0.63
CA ASP B 151 19.55 23.10 -0.15
C ASP B 151 20.53 22.23 0.63
N VAL B 152 21.74 22.08 0.08
CA VAL B 152 22.77 21.27 0.72
C VAL B 152 23.15 21.82 2.09
N ASN B 153 23.32 23.14 2.18
CA ASN B 153 23.67 23.79 3.43
C ASN B 153 22.55 23.64 4.46
N GLY B 154 21.31 23.71 3.99
CA GLY B 154 20.17 23.58 4.88
C GLY B 154 20.10 22.25 5.57
N ILE B 155 20.20 21.16 4.82
CA ILE B 155 20.11 19.83 5.43
C ILE B 155 21.39 19.47 6.19
N ARG B 156 22.53 19.96 5.72
CA ARG B 156 23.79 19.68 6.39
C ARG B 156 23.83 20.40 7.73
N HIS B 157 23.11 21.51 7.82
CA HIS B 157 23.04 22.28 9.06
C HIS B 157 22.31 21.46 10.12
N LEU B 158 21.40 20.60 9.67
CA LEU B 158 20.64 19.75 10.58
C LEU B 158 21.34 18.44 10.89
N TYR B 159 21.88 17.79 9.86
CA TYR B 159 22.56 16.52 10.05
C TYR B 159 24.02 16.60 9.62
#